data_8JM2
#
_entry.id   8JM2
#
_cell.length_a   49.558
_cell.length_b   91.312
_cell.length_c   130.692
_cell.angle_alpha   90.00
_cell.angle_beta   90.00
_cell.angle_gamma   90.00
#
_symmetry.space_group_name_H-M   'P 21 21 21'
#
loop_
_entity.id
_entity.type
_entity.pdbx_description
1 polymer '(R)-mandelonitrile lyase'
2 branched 2-acetamido-2-deoxy-beta-D-glucopyranose-(1-4)-2-acetamido-2-deoxy-beta-D-glucopyranose
3 non-polymer 2-acetamido-2-deoxy-beta-D-glucopyranose
4 non-polymer 2,2-dimethyl-4H-1,3-benzodioxine-6-carbaldehyde
5 non-polymer 'TRIETHYLENE GLYCOL'
6 non-polymer 'FLAVIN-ADENINE DINUCLEOTIDE'
7 non-polymer DI(HYDROXYETHYL)ETHER
8 non-polymer 1,2-ETHANEDIOL
9 water water
#
_entity_poly.entity_id   1
_entity_poly.type   'polypeptide(L)'
_entity_poly.pdbx_seq_one_letter_code
;IDHHHHHHLANTSAHDFSYLKFVYNATDTSLEGSYDYIVIGGGTSGCPLAATLSEKYKVLLLERGTIATEYPNTLTADGF
AYNLQQQDDGKTPVERFVSEDGIDNVRARILGGTTIINAGVYARANISFYSQTGIEWDLDLVNKTYEWVEDAIVVKPNNQ
SWQSVIGEGFLEAGILPDNGFSLDHEAGTRLTGSTFDNNGTRHAADELLNKGDPNNLLVAVQASVEKILFSSNTSNLSAI
GVIYTDSDGNSHQAFVRGNGEVIVSAGTIGTPQLLLLSGVGPESYLSSLNITVVQPNPYVGQFVYDNPRNFINILPPNPI
EASVVTVLGIRSDYYQVSASSLPFSTPPFSLFPTTSYPLPNSTFAHIVSQVPGPLSHGSVTLNSSSDVRIAPNIKFNYYS
NSTDLANCVSGMKKLGDLLRTKALEPYKARDVLGIDGFNYLGVPLPENQTDDASFETFCLDNVASYWHYHGGSLVGKVLD
DSFRVMGIKALRVVDASTFPYEPNSHPQGFYLMLGRYVGLQILQERSIRLEAIHNIQESM
;
_entity_poly.pdbx_strand_id   A
#
# COMPACT_ATOMS: atom_id res chain seq x y z
N LEU A 9 17.35 6.11 12.81
CA LEU A 9 16.94 4.77 12.26
C LEU A 9 16.82 3.76 13.41
N ALA A 10 16.02 2.71 13.19
CA ALA A 10 15.79 1.56 14.09
C ALA A 10 17.03 0.64 14.12
N ASN A 11 17.11 -0.21 15.15
CA ASN A 11 18.07 -1.32 15.35
C ASN A 11 17.44 -2.64 14.88
N THR A 12 18.23 -3.70 14.77
CA THR A 12 17.74 -5.09 14.76
C THR A 12 17.07 -5.36 16.10
N SER A 13 15.86 -5.92 16.09
CA SER A 13 15.09 -6.24 17.33
C SER A 13 13.88 -7.06 16.96
N ALA A 14 13.35 -7.82 17.90
CA ALA A 14 12.14 -8.64 17.65
C ALA A 14 10.98 -7.66 17.37
N HIS A 15 9.97 -8.16 16.67
CA HIS A 15 8.72 -7.42 16.42
C HIS A 15 8.06 -7.15 17.78
N ASP A 16 7.77 -5.88 18.08
CA ASP A 16 7.28 -5.46 19.43
C ASP A 16 5.75 -5.59 19.48
N PHE A 17 5.25 -6.68 20.07
CA PHE A 17 3.80 -6.94 20.28
C PHE A 17 3.29 -6.48 21.67
N SER A 18 3.96 -5.52 22.32
CA SER A 18 3.56 -5.02 23.67
C SER A 18 2.12 -4.48 23.62
N TYR A 19 1.73 -3.86 22.51
CA TYR A 19 0.42 -3.22 22.33
C TYR A 19 -0.72 -4.26 22.46
N LEU A 20 -0.47 -5.56 22.35
CA LEU A 20 -1.54 -6.59 22.48
C LEU A 20 -2.20 -6.46 23.88
N LYS A 21 -1.57 -5.77 24.82
CA LYS A 21 -2.18 -5.59 26.17
C LYS A 21 -3.47 -4.75 26.05
N PHE A 22 -3.68 -3.95 25.00
CA PHE A 22 -4.95 -3.21 24.79
C PHE A 22 -5.62 -3.60 23.46
N VAL A 23 -5.41 -4.84 23.01
CA VAL A 23 -6.11 -5.40 21.83
C VAL A 23 -7.10 -6.44 22.29
N TYR A 24 -8.34 -6.30 21.84
CA TYR A 24 -9.51 -7.11 22.27
C TYR A 24 -10.26 -7.65 21.05
N ASN A 25 -10.84 -8.82 21.23
CA ASN A 25 -11.83 -9.38 20.28
C ASN A 25 -13.04 -8.44 20.18
N ALA A 26 -13.53 -8.12 18.98
CA ALA A 26 -14.73 -7.28 18.83
C ALA A 26 -15.98 -7.93 19.45
N THR A 27 -15.95 -9.22 19.77
CA THR A 27 -17.06 -9.91 20.49
C THR A 27 -17.30 -9.29 21.88
N ASP A 28 -16.33 -8.53 22.39
CA ASP A 28 -16.41 -7.95 23.75
C ASP A 28 -17.27 -6.67 23.72
N THR A 29 -18.51 -6.79 24.22
CA THR A 29 -19.54 -5.72 24.17
C THR A 29 -19.14 -4.53 25.05
N SER A 30 -18.21 -4.71 26.00
CA SER A 30 -17.70 -3.61 26.86
C SER A 30 -16.90 -2.61 26.02
N LEU A 31 -16.51 -2.94 24.79
CA LEU A 31 -15.87 -1.96 23.87
C LEU A 31 -16.91 -0.96 23.37
N GLU A 32 -18.19 -1.32 23.41
CA GLU A 32 -19.25 -0.46 22.84
C GLU A 32 -19.40 0.76 23.75
N GLY A 33 -19.72 1.91 23.16
CA GLY A 33 -19.92 3.15 23.93
C GLY A 33 -19.34 4.34 23.24
N SER A 34 -19.01 5.39 24.01
CA SER A 34 -18.47 6.66 23.45
C SER A 34 -16.95 6.84 23.59
N TYR A 35 -16.35 7.39 22.54
CA TYR A 35 -14.91 7.66 22.48
C TYR A 35 -14.73 9.11 21.98
N ASP A 36 -13.51 9.62 22.07
CA ASP A 36 -13.23 10.93 21.42
C ASP A 36 -13.00 10.68 19.92
N TYR A 37 -12.27 9.62 19.59
CA TYR A 37 -12.02 9.28 18.16
C TYR A 37 -12.28 7.81 17.90
N ILE A 38 -12.82 7.55 16.72
CA ILE A 38 -12.93 6.19 16.17
C ILE A 38 -12.15 6.19 14.86
N VAL A 39 -11.20 5.28 14.78
CA VAL A 39 -10.42 5.07 13.53
C VAL A 39 -10.81 3.71 12.94
N ILE A 40 -11.18 3.71 11.66
CA ILE A 40 -11.66 2.51 10.93
C ILE A 40 -10.51 2.06 10.04
N GLY A 41 -9.95 0.92 10.39
CA GLY A 41 -8.87 0.26 9.67
C GLY A 41 -7.55 0.43 10.41
N GLY A 42 -7.02 -0.63 10.99
CA GLY A 42 -5.72 -0.61 11.71
C GLY A 42 -4.59 -0.85 10.74
N GLY A 43 -4.47 -0.01 9.71
CA GLY A 43 -3.45 -0.24 8.68
C GLY A 43 -2.31 0.76 8.73
N THR A 44 -1.77 1.06 7.55
CA THR A 44 -0.54 1.86 7.36
C THR A 44 -0.75 3.24 7.95
N SER A 45 -1.84 3.91 7.56
CA SER A 45 -2.16 5.25 8.10
C SER A 45 -2.89 5.11 9.43
N GLY A 46 -3.78 4.11 9.54
CA GLY A 46 -4.69 4.05 10.68
C GLY A 46 -3.95 3.82 11.99
N CYS A 47 -2.95 2.92 12.02
CA CYS A 47 -2.26 2.65 13.32
C CYS A 47 -1.58 3.91 13.87
N PRO A 48 -0.70 4.60 13.10
CA PRO A 48 -0.03 5.80 13.61
C PRO A 48 -1.01 6.92 13.93
N LEU A 49 -2.10 7.01 13.19
CA LEU A 49 -3.14 8.01 13.50
C LEU A 49 -3.72 7.73 14.89
N ALA A 50 -4.20 6.51 15.14
CA ALA A 50 -4.84 6.11 16.42
C ALA A 50 -3.83 6.29 17.57
N ALA A 51 -2.58 5.92 17.35
CA ALA A 51 -1.53 6.05 18.38
C ALA A 51 -1.34 7.53 18.72
N THR A 52 -1.31 8.38 17.69
CA THR A 52 -1.10 9.84 17.86
C THR A 52 -2.28 10.45 18.63
N LEU A 53 -3.50 10.16 18.19
CA LEU A 53 -4.68 10.76 18.85
C LEU A 53 -4.73 10.29 20.31
N SER A 54 -4.29 9.07 20.60
CA SER A 54 -4.35 8.50 21.97
C SER A 54 -3.42 9.24 22.97
N GLU A 55 -2.51 10.11 22.52
CA GLU A 55 -1.63 10.86 23.44
C GLU A 55 -2.53 11.72 24.34
N LYS A 56 -3.67 12.22 23.84
CA LYS A 56 -4.55 13.21 24.52
C LYS A 56 -5.97 12.67 24.76
N TYR A 57 -6.46 11.72 23.96
CA TYR A 57 -7.92 11.43 23.84
C TYR A 57 -8.17 9.94 23.83
N LYS A 58 -9.41 9.56 24.10
CA LYS A 58 -9.85 8.14 24.12
C LYS A 58 -10.15 7.70 22.67
N VAL A 59 -9.44 6.69 22.22
CA VAL A 59 -9.48 6.28 20.79
C VAL A 59 -9.89 4.80 20.76
N LEU A 60 -10.79 4.48 19.82
CA LEU A 60 -11.10 3.10 19.41
C LEU A 60 -10.62 2.90 17.98
N LEU A 61 -9.71 1.98 17.78
CA LEU A 61 -9.22 1.52 16.45
C LEU A 61 -9.95 0.21 16.15
N LEU A 62 -10.69 0.14 15.03
CA LEU A 62 -11.43 -1.07 14.61
C LEU A 62 -10.72 -1.66 13.37
N GLU A 63 -10.33 -2.92 13.44
CA GLU A 63 -9.65 -3.66 12.35
C GLU A 63 -10.40 -4.96 12.06
N ARG A 64 -10.73 -5.19 10.79
CA ARG A 64 -11.51 -6.39 10.36
C ARG A 64 -10.64 -7.62 10.49
N GLY A 65 -9.33 -7.49 10.35
CA GLY A 65 -8.44 -8.65 10.44
C GLY A 65 -8.12 -9.03 11.88
N THR A 66 -7.34 -10.09 12.04
CA THR A 66 -6.82 -10.55 13.35
C THR A 66 -5.41 -9.98 13.58
N ILE A 67 -4.72 -10.51 14.58
CA ILE A 67 -3.35 -10.06 14.97
C ILE A 67 -2.31 -10.90 14.22
N ALA A 68 -1.17 -10.29 13.92
CA ALA A 68 -0.15 -10.85 13.02
C ALA A 68 0.45 -12.10 13.66
N THR A 69 0.41 -12.23 14.98
CA THR A 69 0.95 -13.43 15.66
C THR A 69 0.21 -14.66 15.15
N GLU A 70 -1.00 -14.52 14.62
CA GLU A 70 -1.77 -15.70 14.16
C GLU A 70 -1.15 -16.27 12.88
N TYR A 71 -0.34 -15.47 12.18
CA TYR A 71 0.24 -15.82 10.85
C TYR A 71 1.72 -15.46 10.88
N PRO A 72 2.53 -16.38 11.46
CA PRO A 72 3.94 -16.13 11.69
C PRO A 72 4.73 -15.75 10.43
N ASN A 73 4.34 -16.21 9.26
CA ASN A 73 5.04 -15.95 7.98
C ASN A 73 4.95 -14.47 7.59
N THR A 74 4.08 -13.68 8.23
CA THR A 74 4.03 -12.20 8.07
C THR A 74 5.18 -11.51 8.82
N LEU A 75 5.96 -12.20 9.65
CA LEU A 75 6.90 -11.47 10.56
C LEU A 75 8.37 -11.60 10.11
N THR A 76 8.64 -12.18 8.95
CA THR A 76 10.02 -12.32 8.42
C THR A 76 10.06 -11.97 6.93
N ALA A 77 11.20 -11.50 6.45
CA ALA A 77 11.49 -11.32 5.01
C ALA A 77 11.23 -12.63 4.25
N ASP A 78 11.69 -13.75 4.79
CA ASP A 78 11.65 -15.10 4.15
C ASP A 78 10.21 -15.53 3.90
N GLY A 79 9.30 -15.01 4.71
CA GLY A 79 7.87 -15.33 4.71
C GLY A 79 7.10 -14.61 3.61
N PHE A 80 7.67 -13.59 2.96
CA PHE A 80 6.91 -12.75 1.99
C PHE A 80 6.09 -13.62 1.04
N ALA A 81 6.71 -14.61 0.40
CA ALA A 81 6.06 -15.37 -0.69
C ALA A 81 4.94 -16.20 -0.10
N TYR A 82 5.15 -16.69 1.09
CA TYR A 82 4.21 -17.63 1.74
C TYR A 82 2.81 -17.01 1.88
N ASN A 83 2.75 -15.75 2.27
CA ASN A 83 1.44 -15.09 2.54
C ASN A 83 0.67 -14.93 1.26
N LEU A 84 1.35 -14.72 0.12
CA LEU A 84 0.72 -14.63 -1.23
C LEU A 84 0.35 -16.01 -1.78
N GLN A 85 1.14 -17.04 -1.45
CA GLN A 85 0.90 -18.44 -1.86
C GLN A 85 -0.28 -19.01 -1.10
N GLN A 86 -0.53 -18.54 0.12
CA GLN A 86 -1.57 -19.12 0.98
C GLN A 86 -2.95 -18.78 0.38
N GLN A 87 -3.81 -19.79 0.36
CA GLN A 87 -5.22 -19.67 -0.05
C GLN A 87 -5.92 -18.63 0.83
N ASP A 88 -6.80 -17.83 0.22
CA ASP A 88 -7.66 -16.86 0.92
C ASP A 88 -8.91 -17.56 1.44
N ASP A 89 -8.98 -17.77 2.74
CA ASP A 89 -10.11 -18.48 3.40
C ASP A 89 -11.00 -17.45 4.11
N GLY A 90 -10.82 -16.15 3.85
CA GLY A 90 -11.60 -15.07 4.48
C GLY A 90 -11.01 -14.61 5.82
N LYS A 91 -10.04 -15.29 6.39
CA LYS A 91 -9.39 -14.98 7.69
C LYS A 91 -7.91 -14.61 7.52
N THR A 92 -7.30 -14.98 6.39
CA THR A 92 -5.85 -14.87 6.12
C THR A 92 -5.48 -13.39 6.00
N PRO A 93 -4.20 -13.04 6.25
CA PRO A 93 -3.75 -11.65 6.19
C PRO A 93 -3.77 -11.06 4.79
N VAL A 94 -3.73 -11.92 3.79
CA VAL A 94 -3.82 -11.55 2.34
C VAL A 94 -5.22 -11.89 1.83
N GLU A 95 -5.92 -10.87 1.35
CA GLU A 95 -7.21 -11.01 0.64
C GLU A 95 -6.90 -10.89 -0.87
N ARG A 96 -7.23 -11.93 -1.61
CA ARG A 96 -7.09 -11.96 -3.09
C ARG A 96 -8.24 -11.21 -3.76
N PHE A 97 -7.95 -10.52 -4.86
CA PHE A 97 -9.03 -9.99 -5.73
C PHE A 97 -8.53 -9.98 -7.17
N VAL A 98 -9.46 -9.81 -8.09
CA VAL A 98 -9.09 -9.65 -9.53
C VAL A 98 -9.78 -8.37 -10.00
N SER A 99 -9.02 -7.41 -10.50
CA SER A 99 -9.62 -6.18 -11.02
C SER A 99 -10.54 -6.55 -12.20
N GLU A 100 -11.47 -5.70 -12.59
CA GLU A 100 -12.31 -5.98 -13.77
C GLU A 100 -11.46 -5.96 -15.04
N ASP A 101 -10.26 -5.39 -15.01
CA ASP A 101 -9.25 -5.50 -16.11
C ASP A 101 -8.72 -6.93 -16.28
N GLY A 102 -8.92 -7.83 -15.34
CA GLY A 102 -8.42 -9.21 -15.40
C GLY A 102 -7.09 -9.38 -14.71
N ILE A 103 -6.63 -8.39 -13.92
CA ILE A 103 -5.29 -8.47 -13.32
C ILE A 103 -5.44 -8.88 -11.84
N ASP A 104 -4.80 -9.97 -11.46
CA ASP A 104 -4.77 -10.50 -10.08
C ASP A 104 -4.10 -9.50 -9.13
N ASN A 105 -4.61 -9.41 -7.91
CA ASN A 105 -4.11 -8.40 -6.97
C ASN A 105 -4.37 -8.88 -5.54
N VAL A 106 -3.85 -8.16 -4.57
CA VAL A 106 -4.10 -8.46 -3.13
C VAL A 106 -4.25 -7.18 -2.32
N ARG A 107 -4.96 -7.29 -1.20
CA ARG A 107 -4.93 -6.27 -0.14
C ARG A 107 -4.80 -6.98 1.22
N ALA A 108 -4.41 -6.23 2.23
CA ALA A 108 -4.18 -6.76 3.59
C ALA A 108 -5.51 -6.89 4.33
N ARG A 109 -5.56 -7.88 5.22
CA ARG A 109 -6.68 -8.08 6.15
C ARG A 109 -6.03 -8.48 7.49
N ILE A 110 -5.45 -7.53 8.19
CA ILE A 110 -4.66 -7.85 9.41
C ILE A 110 -4.36 -6.56 10.15
N LEU A 111 -4.11 -6.64 11.47
CA LEU A 111 -3.76 -5.42 12.24
C LEU A 111 -2.31 -5.05 11.92
N GLY A 112 -2.12 -3.83 11.38
CA GLY A 112 -0.87 -3.37 10.72
C GLY A 112 -1.11 -3.17 9.23
N GLY A 113 -2.18 -3.76 8.73
CA GLY A 113 -2.59 -3.53 7.33
C GLY A 113 -1.54 -3.98 6.35
N THR A 114 -1.40 -3.27 5.24
CA THR A 114 -0.53 -3.73 4.14
C THR A 114 0.96 -3.70 4.56
N THR A 115 1.33 -2.97 5.63
CA THR A 115 2.74 -3.03 6.12
C THR A 115 3.08 -4.42 6.69
N ILE A 116 2.09 -5.28 6.90
CA ILE A 116 2.35 -6.62 7.49
C ILE A 116 2.64 -7.61 6.34
N ILE A 117 2.28 -7.29 5.09
CA ILE A 117 2.37 -8.27 3.97
C ILE A 117 3.26 -7.74 2.86
N ASN A 118 3.84 -6.56 3.00
CA ASN A 118 4.40 -5.91 1.80
C ASN A 118 5.88 -6.29 1.64
N ALA A 119 6.53 -5.67 0.66
CA ALA A 119 7.92 -5.97 0.26
C ALA A 119 8.94 -5.15 1.03
N GLY A 120 8.50 -4.36 2.03
CA GLY A 120 9.35 -3.70 3.03
C GLY A 120 10.08 -2.44 2.54
N VAL A 121 9.95 -2.04 1.29
CA VAL A 121 10.81 -0.93 0.79
C VAL A 121 10.32 0.37 1.44
N TYR A 122 11.24 1.19 1.96
CA TYR A 122 10.88 2.45 2.63
C TYR A 122 11.54 3.62 1.90
N ALA A 123 10.72 4.60 1.55
CA ALA A 123 11.17 5.87 0.95
C ALA A 123 10.31 7.01 1.46
N ARG A 124 10.88 8.21 1.50
CA ARG A 124 10.14 9.47 1.73
C ARG A 124 9.54 9.94 0.42
N ALA A 125 8.51 10.76 0.49
CA ALA A 125 7.91 11.34 -0.72
C ALA A 125 8.94 12.22 -1.42
N ASN A 126 8.88 12.19 -2.74
CA ASN A 126 9.48 13.20 -3.63
C ASN A 126 9.28 14.58 -2.98
N ILE A 127 10.34 15.31 -2.65
CA ILE A 127 10.14 16.60 -1.92
C ILE A 127 9.30 17.60 -2.73
N SER A 128 9.17 17.44 -4.04
CA SER A 128 8.30 18.29 -4.89
C SER A 128 6.83 17.98 -4.70
N PHE A 129 6.49 16.86 -4.05
CA PHE A 129 5.08 16.40 -4.01
C PHE A 129 4.20 17.40 -3.26
N TYR A 130 4.71 17.93 -2.15
CA TYR A 130 3.94 18.78 -1.21
C TYR A 130 3.43 20.01 -1.98
N SER A 131 4.33 20.69 -2.69
CA SER A 131 3.95 21.94 -3.41
C SER A 131 3.02 21.57 -4.59
N GLN A 132 3.22 20.42 -5.24
CA GLN A 132 2.33 19.93 -6.32
C GLN A 132 0.89 19.77 -5.81
N THR A 133 0.67 19.32 -4.56
CA THR A 133 -0.69 19.10 -3.98
C THR A 133 -1.42 20.43 -3.74
N GLY A 134 -0.69 21.52 -3.48
CA GLY A 134 -1.26 22.81 -3.02
C GLY A 134 -1.87 22.79 -1.61
N ILE A 135 -1.71 21.70 -0.86
CA ILE A 135 -2.05 21.65 0.60
C ILE A 135 -1.01 22.49 1.35
N GLU A 136 -1.42 23.24 2.37
CA GLU A 136 -0.48 24.06 3.18
C GLU A 136 0.12 23.12 4.21
N TRP A 137 1.06 22.31 3.78
CA TRP A 137 1.75 21.41 4.71
C TRP A 137 2.65 22.21 5.63
N ASP A 138 2.75 21.74 6.86
CA ASP A 138 3.80 22.11 7.84
C ASP A 138 5.00 21.23 7.51
N LEU A 139 5.92 21.71 6.66
CA LEU A 139 6.97 20.83 6.09
C LEU A 139 7.96 20.42 7.20
N ASP A 140 8.28 21.30 8.14
CA ASP A 140 9.15 20.87 9.28
C ASP A 140 8.48 19.68 10.00
N LEU A 141 7.19 19.79 10.30
CA LEU A 141 6.45 18.70 11.01
C LEU A 141 6.50 17.40 10.20
N VAL A 142 6.28 17.48 8.89
CA VAL A 142 6.34 16.30 7.97
C VAL A 142 7.65 15.57 8.25
N ASN A 143 8.76 16.31 8.25
CA ASN A 143 10.09 15.71 8.41
C ASN A 143 10.24 15.14 9.83
N LYS A 144 9.76 15.83 10.86
CA LYS A 144 9.85 15.26 12.24
C LYS A 144 9.04 13.96 12.29
N THR A 145 7.94 13.91 11.54
CA THR A 145 7.03 12.73 11.55
C THR A 145 7.70 11.57 10.78
N TYR A 146 8.37 11.84 9.65
CA TYR A 146 9.22 10.82 8.99
C TYR A 146 10.22 10.23 10.01
N GLU A 147 10.87 11.07 10.81
CA GLU A 147 11.92 10.58 11.75
C GLU A 147 11.29 9.72 12.83
N TRP A 148 10.12 10.11 13.30
CA TRP A 148 9.36 9.35 14.32
C TRP A 148 9.07 7.94 13.80
N VAL A 149 8.65 7.79 12.55
CA VAL A 149 8.41 6.47 11.95
C VAL A 149 9.76 5.75 11.80
N GLU A 150 10.76 6.42 11.23
CA GLU A 150 12.04 5.79 10.81
C GLU A 150 12.80 5.28 12.03
N ASP A 151 12.81 6.08 13.10
CA ASP A 151 13.36 5.73 14.43
C ASP A 151 12.74 4.41 14.92
N ALA A 152 11.48 4.19 14.63
CA ALA A 152 10.71 3.07 15.17
C ALA A 152 10.94 1.82 14.35
N ILE A 153 10.87 1.87 13.02
CA ILE A 153 10.71 0.63 12.22
C ILE A 153 11.55 0.62 10.95
N VAL A 154 12.38 1.62 10.65
CA VAL A 154 13.18 1.60 9.39
C VAL A 154 14.67 1.35 9.68
N VAL A 155 15.33 0.50 8.90
CA VAL A 155 16.80 0.26 9.00
C VAL A 155 17.50 0.60 7.69
N LYS A 156 18.79 0.91 7.81
CA LYS A 156 19.71 0.87 6.65
C LYS A 156 19.98 -0.59 6.33
N PRO A 157 19.60 -1.12 5.14
CA PRO A 157 19.78 -2.55 4.89
C PRO A 157 21.27 -2.89 4.73
N ASN A 158 21.63 -4.12 5.11
CA ASN A 158 22.96 -4.72 4.80
C ASN A 158 23.07 -5.05 3.31
N ASN A 159 24.30 -5.35 2.86
CA ASN A 159 24.60 -5.70 1.46
C ASN A 159 23.87 -7.00 1.14
N GLN A 160 23.29 -7.07 -0.04
CA GLN A 160 22.74 -8.30 -0.61
C GLN A 160 23.33 -8.39 -2.01
N SER A 161 23.86 -9.54 -2.35
CA SER A 161 24.68 -9.65 -3.59
C SER A 161 23.84 -9.29 -4.83
N TRP A 162 22.59 -9.76 -4.95
CA TRP A 162 21.75 -9.44 -6.12
C TRP A 162 21.46 -7.93 -6.16
N GLN A 163 21.12 -7.31 -5.05
CA GLN A 163 20.79 -5.86 -5.06
C GLN A 163 22.02 -5.05 -5.49
N SER A 164 23.21 -5.45 -5.04
CA SER A 164 24.45 -4.74 -5.44
C SER A 164 24.69 -4.94 -6.95
N VAL A 165 24.43 -6.12 -7.49
CA VAL A 165 24.53 -6.37 -8.96
C VAL A 165 23.60 -5.38 -9.65
N ILE A 166 22.35 -5.32 -9.18
CA ILE A 166 21.33 -4.55 -9.90
C ILE A 166 21.69 -3.07 -9.81
N GLY A 167 22.21 -2.60 -8.67
CA GLY A 167 22.65 -1.22 -8.51
C GLY A 167 23.80 -0.89 -9.46
N GLU A 168 24.80 -1.77 -9.55
CA GLU A 168 25.91 -1.60 -10.52
C GLU A 168 25.34 -1.48 -11.92
N GLY A 169 24.38 -2.34 -12.25
CA GLY A 169 23.67 -2.39 -13.55
C GLY A 169 22.95 -1.09 -13.87
N PHE A 170 22.17 -0.55 -12.92
CA PHE A 170 21.36 0.67 -13.13
C PHE A 170 22.31 1.82 -13.48
N LEU A 171 23.42 1.94 -12.76
CA LEU A 171 24.45 3.00 -12.93
C LEU A 171 25.10 2.83 -14.31
N GLU A 172 25.39 1.59 -14.72
CA GLU A 172 26.05 1.28 -16.01
C GLU A 172 25.08 1.57 -17.15
N ALA A 173 23.77 1.40 -16.88
CA ALA A 173 22.70 1.65 -17.86
C ALA A 173 22.34 3.14 -17.95
N GLY A 174 22.92 4.01 -17.12
CA GLY A 174 22.76 5.46 -17.28
C GLY A 174 21.78 6.03 -16.28
N ILE A 175 21.39 5.26 -15.25
CA ILE A 175 20.46 5.78 -14.21
C ILE A 175 21.32 6.45 -13.15
N LEU A 176 21.63 7.73 -13.39
CA LEU A 176 22.60 8.50 -12.61
C LEU A 176 21.89 9.66 -11.95
N PRO A 177 22.47 10.26 -10.88
CA PRO A 177 23.76 9.84 -10.35
C PRO A 177 23.69 8.68 -9.35
N ASP A 178 24.84 8.26 -8.81
CA ASP A 178 24.96 7.31 -7.69
C ASP A 178 24.60 8.08 -6.40
N ASN A 179 23.47 7.79 -5.77
CA ASN A 179 23.03 8.56 -4.57
C ASN A 179 23.45 7.83 -3.29
N GLY A 180 24.14 6.71 -3.38
CA GLY A 180 24.58 6.00 -2.16
C GLY A 180 23.37 5.53 -1.38
N PHE A 181 23.42 5.59 -0.06
CA PHE A 181 22.27 5.22 0.80
C PHE A 181 21.50 6.51 1.10
N SER A 182 20.22 6.50 0.75
CA SER A 182 19.35 7.66 1.00
C SER A 182 17.88 7.21 1.03
N LEU A 183 17.08 7.78 1.93
CA LEU A 183 15.62 7.49 2.01
C LEU A 183 14.88 8.34 0.96
N ASP A 184 15.52 9.35 0.35
CA ASP A 184 14.80 10.31 -0.54
C ASP A 184 14.56 9.76 -1.94
N HIS A 185 13.33 10.02 -2.43
CA HIS A 185 12.95 9.77 -3.84
C HIS A 185 13.61 10.85 -4.70
N GLU A 186 14.67 10.46 -5.40
CA GLU A 186 15.48 11.37 -6.24
C GLU A 186 15.97 10.60 -7.45
N ALA A 187 16.15 11.30 -8.57
CA ALA A 187 16.67 10.69 -9.80
C ALA A 187 18.02 10.06 -9.46
N GLY A 188 18.23 8.86 -9.98
CA GLY A 188 19.50 8.13 -9.87
C GLY A 188 19.31 6.82 -9.13
N THR A 189 20.43 6.19 -8.79
CA THR A 189 20.49 4.83 -8.22
C THR A 189 20.84 4.98 -6.75
N ARG A 190 20.11 4.29 -5.87
CA ARG A 190 20.39 4.37 -4.43
C ARG A 190 20.06 3.06 -3.73
N LEU A 191 20.66 2.89 -2.56
CA LEU A 191 20.15 1.97 -1.52
C LEU A 191 19.14 2.78 -0.69
N THR A 192 17.91 2.27 -0.51
CA THR A 192 16.89 2.96 0.32
C THR A 192 16.70 2.17 1.62
N GLY A 193 15.86 2.67 2.52
CA GLY A 193 15.63 2.02 3.81
C GLY A 193 14.71 0.82 3.61
N SER A 194 14.57 -0.03 4.63
CA SER A 194 13.65 -1.20 4.60
C SER A 194 12.95 -1.30 5.96
N THR A 195 11.73 -1.81 5.98
CA THR A 195 11.04 -2.15 7.25
C THR A 195 11.34 -3.62 7.62
N PHE A 196 12.14 -4.35 6.86
CA PHE A 196 12.75 -5.61 7.33
C PHE A 196 14.07 -5.24 7.99
N ASP A 197 14.32 -5.68 9.22
CA ASP A 197 15.59 -5.31 9.90
C ASP A 197 16.71 -6.19 9.31
N ASN A 198 17.94 -6.08 9.82
CA ASN A 198 19.11 -6.80 9.23
C ASN A 198 19.13 -8.29 9.63
N ASN A 199 18.28 -8.69 10.57
CA ASN A 199 18.06 -10.10 10.98
C ASN A 199 16.89 -10.69 10.18
N GLY A 200 16.31 -9.92 9.28
CA GLY A 200 15.13 -10.32 8.47
C GLY A 200 13.80 -10.26 9.23
N THR A 201 13.74 -9.63 10.38
CA THR A 201 12.46 -9.46 11.13
C THR A 201 11.65 -8.32 10.49
N ARG A 202 10.37 -8.58 10.25
CA ARG A 202 9.51 -7.51 9.71
C ARG A 202 9.10 -6.57 10.84
N HIS A 203 9.23 -5.27 10.60
CA HIS A 203 8.66 -4.22 11.45
C HIS A 203 7.56 -3.54 10.62
N ALA A 204 6.56 -2.99 11.27
CA ALA A 204 5.30 -2.64 10.59
C ALA A 204 4.50 -1.61 11.39
N ALA A 205 3.45 -1.09 10.78
CA ALA A 205 2.61 -0.03 11.33
C ALA A 205 2.05 -0.47 12.70
N ASP A 206 1.79 -1.76 12.95
CA ASP A 206 1.21 -2.23 14.21
C ASP A 206 2.14 -1.85 15.36
N GLU A 207 3.45 -1.82 15.14
CA GLU A 207 4.42 -1.46 16.20
C GLU A 207 4.30 0.02 16.54
N LEU A 208 3.73 0.85 15.67
CA LEU A 208 3.53 2.28 16.02
C LEU A 208 2.42 2.40 17.09
N LEU A 209 1.59 1.37 17.30
CA LEU A 209 0.58 1.36 18.38
C LEU A 209 1.30 1.39 19.75
N ASN A 210 2.57 0.93 19.79
CA ASN A 210 3.40 0.95 21.03
C ASN A 210 3.70 2.40 21.39
N LYS A 211 3.53 3.35 20.48
CA LYS A 211 3.73 4.79 20.78
C LYS A 211 2.43 5.38 21.32
N GLY A 212 1.32 4.64 21.34
CA GLY A 212 0.08 5.16 21.89
C GLY A 212 0.09 5.16 23.42
N ASP A 213 -0.84 5.85 24.03
CA ASP A 213 -0.98 5.85 25.51
C ASP A 213 -1.86 4.66 25.88
N PRO A 214 -1.35 3.63 26.60
CA PRO A 214 -2.13 2.41 26.87
C PRO A 214 -3.36 2.64 27.76
N ASN A 215 -3.51 3.83 28.35
CA ASN A 215 -4.70 4.21 29.17
C ASN A 215 -5.79 4.80 28.31
N ASN A 216 -5.46 5.12 27.06
CA ASN A 216 -6.37 5.89 26.19
C ASN A 216 -6.70 5.13 24.90
N LEU A 217 -5.89 4.16 24.49
CA LEU A 217 -6.09 3.49 23.17
C LEU A 217 -6.68 2.10 23.38
N LEU A 218 -7.77 1.79 22.68
CA LEU A 218 -8.35 0.43 22.62
C LEU A 218 -8.38 -0.02 21.17
N VAL A 219 -8.06 -1.27 20.91
CA VAL A 219 -8.08 -1.85 19.53
C VAL A 219 -9.01 -3.04 19.58
N ALA A 220 -10.01 -3.05 18.70
CA ALA A 220 -10.86 -4.23 18.44
C ALA A 220 -10.39 -4.86 17.13
N VAL A 221 -10.15 -6.17 17.17
CA VAL A 221 -9.78 -6.99 15.99
C VAL A 221 -10.95 -7.92 15.65
N GLN A 222 -10.95 -8.40 14.42
CA GLN A 222 -12.11 -9.07 13.77
C GLN A 222 -13.35 -8.19 13.98
N ALA A 223 -13.14 -6.89 13.79
CA ALA A 223 -14.21 -5.86 13.80
C ALA A 223 -14.50 -5.39 12.38
N SER A 224 -15.58 -5.85 11.73
CA SER A 224 -15.92 -5.43 10.35
C SER A 224 -16.84 -4.24 10.46
N VAL A 225 -16.35 -3.05 10.17
CA VAL A 225 -17.18 -1.84 10.21
C VAL A 225 -18.07 -1.86 8.97
N GLU A 226 -19.39 -1.83 9.15
CA GLU A 226 -20.40 -2.05 8.10
C GLU A 226 -21.04 -0.72 7.73
N LYS A 227 -21.08 0.23 8.66
CA LYS A 227 -21.76 1.52 8.40
C LYS A 227 -21.20 2.62 9.29
N ILE A 228 -21.07 3.81 8.74
CA ILE A 228 -20.87 5.08 9.48
C ILE A 228 -22.27 5.60 9.86
N LEU A 229 -22.49 5.88 11.14
CA LEU A 229 -23.76 6.47 11.66
C LEU A 229 -23.65 7.98 11.65
N PHE A 230 -24.75 8.65 11.29
CA PHE A 230 -24.83 10.11 11.21
C PHE A 230 -25.96 10.65 12.10
N SER A 231 -25.86 11.95 12.42
CA SER A 231 -26.85 12.81 13.11
C SER A 231 -28.12 13.02 12.25
N SER A 232 -29.22 13.50 12.85
CA SER A 232 -30.31 14.25 12.16
C SER A 232 -30.06 15.77 12.28
N ASN A 236 -27.29 20.15 9.92
CA ASN A 236 -25.93 20.11 10.52
C ASN A 236 -25.35 18.68 10.52
N LEU A 237 -25.13 18.11 9.35
CA LEU A 237 -24.86 16.67 9.19
C LEU A 237 -23.51 16.36 9.81
N SER A 238 -23.51 15.47 10.78
CA SER A 238 -22.28 14.98 11.48
C SER A 238 -22.18 13.47 11.42
N ALA A 239 -20.97 12.94 11.34
CA ALA A 239 -20.72 11.53 11.68
C ALA A 239 -20.82 11.40 13.20
N ILE A 240 -21.43 10.36 13.74
CA ILE A 240 -21.55 10.21 15.22
C ILE A 240 -21.00 8.87 15.67
N GLY A 241 -20.78 7.93 14.74
CA GLY A 241 -20.38 6.59 15.16
C GLY A 241 -20.33 5.59 14.02
N VAL A 242 -20.27 4.31 14.40
CA VAL A 242 -20.16 3.15 13.48
C VAL A 242 -21.01 2.01 14.01
N ILE A 243 -21.36 1.13 13.10
CA ILE A 243 -21.84 -0.24 13.38
C ILE A 243 -20.73 -1.18 12.94
N TYR A 244 -20.37 -2.13 13.78
CA TYR A 244 -19.41 -3.16 13.36
C TYR A 244 -19.90 -4.50 13.83
N THR A 245 -19.52 -5.54 13.10
CA THR A 245 -19.86 -6.94 13.43
C THR A 245 -18.59 -7.66 13.82
N ASP A 246 -18.75 -8.68 14.64
CA ASP A 246 -17.66 -9.49 15.21
C ASP A 246 -17.59 -10.81 14.43
N SER A 247 -16.66 -11.68 14.81
CA SER A 247 -16.31 -12.93 14.11
C SER A 247 -17.45 -13.94 14.22
N ASP A 248 -18.33 -13.83 15.24
CA ASP A 248 -19.59 -14.64 15.35
C ASP A 248 -20.75 -14.04 14.54
N GLY A 249 -20.63 -12.83 14.01
CA GLY A 249 -21.69 -12.16 13.23
C GLY A 249 -22.57 -11.19 14.03
N ASN A 250 -22.41 -11.07 15.36
CA ASN A 250 -23.21 -10.11 16.15
C ASN A 250 -22.76 -8.68 15.87
N SER A 251 -23.69 -7.76 16.00
CA SER A 251 -23.52 -6.32 15.72
C SER A 251 -23.16 -5.58 17.01
N HIS A 252 -22.43 -4.48 16.85
CA HIS A 252 -21.91 -3.62 17.94
C HIS A 252 -22.02 -2.19 17.45
N GLN A 253 -22.18 -1.25 18.37
CA GLN A 253 -22.12 0.17 18.03
C GLN A 253 -21.07 0.86 18.90
N ALA A 254 -20.33 1.77 18.28
CA ALA A 254 -19.50 2.74 19.04
C ALA A 254 -19.73 4.15 18.52
N PHE A 255 -19.56 5.14 19.41
CA PHE A 255 -19.85 6.56 19.07
C PHE A 255 -18.68 7.47 19.44
N VAL A 256 -18.64 8.61 18.77
CA VAL A 256 -17.76 9.75 19.18
C VAL A 256 -18.61 10.73 19.94
N ARG A 257 -17.95 11.60 20.67
CA ARG A 257 -18.59 12.53 21.63
C ARG A 257 -17.98 13.89 21.42
N GLY A 258 -18.72 14.92 21.80
CA GLY A 258 -18.23 16.31 21.85
C GLY A 258 -17.58 16.68 20.54
N ASN A 259 -16.33 17.13 20.59
CA ASN A 259 -15.64 17.67 19.41
C ASN A 259 -14.86 16.55 18.70
N GLY A 260 -15.20 15.31 18.97
CA GLY A 260 -14.51 14.12 18.45
C GLY A 260 -14.85 13.87 16.99
N GLU A 261 -14.22 12.84 16.40
CA GLU A 261 -14.34 12.60 14.95
C GLU A 261 -14.16 11.11 14.68
N VAL A 262 -14.80 10.68 13.60
CA VAL A 262 -14.59 9.34 13.00
C VAL A 262 -13.61 9.53 11.84
N ILE A 263 -12.56 8.75 11.80
CA ILE A 263 -11.64 8.74 10.64
C ILE A 263 -11.69 7.39 9.96
N VAL A 264 -11.89 7.41 8.63
CA VAL A 264 -11.83 6.21 7.75
C VAL A 264 -10.41 6.08 7.22
N SER A 265 -9.79 4.94 7.53
CA SER A 265 -8.43 4.55 7.18
C SER A 265 -8.47 3.13 6.63
N ALA A 266 -9.54 2.81 5.88
CA ALA A 266 -9.84 1.44 5.40
C ALA A 266 -9.19 1.11 4.02
N GLY A 267 -8.34 1.98 3.50
CA GLY A 267 -7.54 1.77 2.28
C GLY A 267 -8.27 2.25 1.04
N THR A 268 -7.59 2.19 -0.09
CA THR A 268 -8.12 2.55 -1.41
C THR A 268 -9.42 1.78 -1.69
N ILE A 269 -9.49 0.52 -1.31
CA ILE A 269 -10.70 -0.31 -1.57
C ILE A 269 -11.74 -0.12 -0.45
N GLY A 270 -11.31 -0.19 0.82
CA GLY A 270 -12.26 -0.24 1.94
C GLY A 270 -12.90 1.11 2.22
N THR A 271 -12.18 2.21 2.07
CA THR A 271 -12.73 3.54 2.42
C THR A 271 -13.89 3.88 1.49
N PRO A 272 -13.72 3.83 0.16
CA PRO A 272 -14.85 4.18 -0.72
C PRO A 272 -16.00 3.20 -0.53
N GLN A 273 -15.69 1.93 -0.34
CA GLN A 273 -16.74 0.93 -0.09
C GLN A 273 -17.58 1.34 1.12
N LEU A 274 -16.96 1.68 2.24
CA LEU A 274 -17.72 2.01 3.47
C LEU A 274 -18.47 3.34 3.26
N LEU A 275 -17.84 4.32 2.61
CA LEU A 275 -18.55 5.57 2.33
C LEU A 275 -19.83 5.31 1.50
N LEU A 276 -19.73 4.52 0.42
CA LEU A 276 -20.90 4.21 -0.43
C LEU A 276 -21.95 3.45 0.39
N LEU A 277 -21.55 2.46 1.16
CA LEU A 277 -22.50 1.67 2.02
C LEU A 277 -23.21 2.60 3.00
N SER A 278 -22.57 3.72 3.37
CA SER A 278 -23.11 4.66 4.39
C SER A 278 -23.94 5.79 3.76
N GLY A 279 -24.07 5.80 2.43
CA GLY A 279 -24.86 6.82 1.71
C GLY A 279 -24.07 8.08 1.39
N VAL A 280 -22.75 7.99 1.36
CA VAL A 280 -21.87 9.11 0.92
C VAL A 280 -21.34 8.72 -0.45
N GLY A 281 -21.80 9.39 -1.48
CA GLY A 281 -21.44 8.98 -2.84
C GLY A 281 -22.35 9.57 -3.87
N PRO A 282 -22.19 9.18 -5.12
CA PRO A 282 -22.92 9.82 -6.22
C PRO A 282 -24.43 9.56 -6.11
N GLU A 283 -25.21 10.61 -6.26
CA GLU A 283 -26.69 10.57 -5.98
C GLU A 283 -27.33 9.54 -6.89
N SER A 284 -27.01 9.62 -8.18
CA SER A 284 -27.59 8.77 -9.23
C SER A 284 -27.25 7.31 -8.95
N TYR A 285 -25.99 7.04 -8.62
CA TYR A 285 -25.48 5.67 -8.36
C TYR A 285 -26.17 5.10 -7.11
N LEU A 286 -26.11 5.81 -5.99
CA LEU A 286 -26.71 5.36 -4.71
C LEU A 286 -28.23 5.18 -4.85
N SER A 287 -28.91 6.12 -5.50
CA SER A 287 -30.36 6.06 -5.78
C SER A 287 -30.74 4.78 -6.54
N SER A 288 -29.96 4.44 -7.55
CA SER A 288 -30.15 3.24 -8.41
C SER A 288 -30.00 1.95 -7.57
N LEU A 289 -29.29 1.98 -6.43
CA LEU A 289 -29.19 0.84 -5.47
C LEU A 289 -30.21 0.95 -4.30
N ASN A 290 -31.07 1.96 -4.28
CA ASN A 290 -32.01 2.26 -3.18
C ASN A 290 -31.20 2.38 -1.88
N ILE A 291 -29.99 2.95 -1.97
CA ILE A 291 -29.25 3.36 -0.75
C ILE A 291 -29.64 4.81 -0.47
N THR A 292 -30.15 5.13 0.72
CA THR A 292 -30.52 6.51 1.07
C THR A 292 -29.25 7.38 1.05
N VAL A 293 -29.31 8.51 0.35
CA VAL A 293 -28.19 9.48 0.22
C VAL A 293 -28.14 10.31 1.49
N VAL A 294 -27.02 10.25 2.17
CA VAL A 294 -26.76 11.09 3.36
C VAL A 294 -26.04 12.32 2.83
N GLN A 295 -25.09 12.15 1.92
CA GLN A 295 -24.27 13.28 1.37
C GLN A 295 -23.92 12.96 -0.06
N PRO A 296 -24.54 13.64 -1.05
CA PRO A 296 -24.22 13.42 -2.45
C PRO A 296 -22.81 13.96 -2.74
N ASN A 297 -22.01 13.14 -3.38
CA ASN A 297 -20.66 13.50 -3.86
C ASN A 297 -20.34 12.61 -5.05
N PRO A 298 -20.20 13.20 -6.26
CA PRO A 298 -20.04 12.40 -7.47
C PRO A 298 -18.70 11.64 -7.58
N TYR A 299 -17.79 11.84 -6.61
CA TYR A 299 -16.38 11.38 -6.75
C TYR A 299 -16.04 10.25 -5.79
N VAL A 300 -16.97 9.77 -4.98
CA VAL A 300 -16.61 8.69 -4.04
C VAL A 300 -16.46 7.41 -4.87
N GLY A 301 -15.30 6.77 -4.79
CA GLY A 301 -14.98 5.58 -5.58
C GLY A 301 -14.55 5.93 -6.98
N GLN A 302 -14.42 7.22 -7.31
CA GLN A 302 -13.91 7.67 -8.63
C GLN A 302 -12.42 8.02 -8.47
N PHE A 303 -11.66 8.01 -9.56
CA PHE A 303 -10.22 8.35 -9.56
C PHE A 303 -9.47 7.36 -8.65
N VAL A 304 -9.61 6.11 -9.03
CA VAL A 304 -8.90 4.96 -8.43
C VAL A 304 -7.83 4.53 -9.40
N TYR A 305 -6.60 4.42 -8.92
CA TYR A 305 -5.41 4.25 -9.79
C TYR A 305 -4.63 3.00 -9.38
N ASP A 306 -4.01 2.34 -10.35
CA ASP A 306 -3.01 1.27 -10.06
C ASP A 306 -1.81 1.43 -10.98
N ASN A 307 -0.67 1.84 -10.40
CA ASN A 307 0.59 1.97 -11.18
C ASN A 307 0.89 0.62 -11.80
N PRO A 308 1.04 0.57 -13.13
CA PRO A 308 1.53 -0.65 -13.79
C PRO A 308 2.91 -1.18 -13.36
N ARG A 309 3.02 -2.50 -13.28
CA ARG A 309 4.30 -3.22 -13.13
C ARG A 309 4.49 -3.96 -14.44
N ASN A 310 5.61 -3.73 -15.10
CA ASN A 310 6.02 -4.55 -16.26
C ASN A 310 7.40 -5.12 -15.95
N PHE A 311 7.71 -6.27 -16.54
CA PHE A 311 8.79 -7.08 -15.96
C PHE A 311 9.32 -8.05 -17.00
N ILE A 312 10.57 -8.44 -16.81
CA ILE A 312 11.04 -9.73 -17.36
C ILE A 312 11.60 -10.58 -16.22
N ASN A 313 11.73 -11.89 -16.49
CA ASN A 313 12.35 -12.81 -15.51
C ASN A 313 13.56 -13.49 -16.15
N ILE A 314 14.70 -13.45 -15.47
CA ILE A 314 15.86 -14.18 -16.02
C ILE A 314 16.18 -15.36 -15.13
N LEU A 315 16.59 -16.45 -15.76
CA LEU A 315 17.02 -17.68 -15.04
C LEU A 315 18.52 -17.86 -15.23
N PRO A 316 19.35 -17.45 -14.25
CA PRO A 316 20.80 -17.54 -14.37
C PRO A 316 21.20 -19.00 -14.35
N PRO A 317 22.32 -19.36 -15.04
CA PRO A 317 22.74 -20.76 -15.13
C PRO A 317 23.38 -21.25 -13.82
N ASN A 318 23.78 -20.35 -12.93
CA ASN A 318 24.25 -20.67 -11.55
C ASN A 318 23.26 -20.06 -10.57
N PRO A 319 23.04 -20.63 -9.37
CA PRO A 319 22.09 -20.07 -8.42
C PRO A 319 22.47 -18.65 -8.03
N ILE A 320 21.44 -17.82 -7.88
CA ILE A 320 21.55 -16.49 -7.22
C ILE A 320 20.86 -16.58 -5.84
N GLU A 321 21.34 -15.78 -4.92
CA GLU A 321 20.82 -15.68 -3.54
C GLU A 321 19.56 -14.81 -3.60
N ALA A 322 18.52 -15.24 -2.90
CA ALA A 322 17.25 -14.51 -2.78
C ALA A 322 17.55 -13.20 -2.05
N SER A 323 16.83 -12.14 -2.40
CA SER A 323 17.01 -10.82 -1.79
C SER A 323 15.63 -10.16 -1.65
N VAL A 324 15.56 -9.25 -0.70
CA VAL A 324 14.48 -8.21 -0.62
C VAL A 324 14.98 -6.95 -1.31
N VAL A 325 14.03 -6.24 -1.92
CA VAL A 325 14.38 -5.08 -2.78
C VAL A 325 14.91 -3.99 -1.85
N THR A 326 16.10 -3.47 -2.13
CA THR A 326 16.63 -2.32 -1.39
C THR A 326 17.23 -1.27 -2.36
N VAL A 327 17.47 -1.64 -3.60
CA VAL A 327 18.24 -0.80 -4.56
C VAL A 327 17.27 -0.33 -5.64
N LEU A 328 17.15 0.98 -5.80
CA LEU A 328 16.12 1.60 -6.65
C LEU A 328 16.84 2.36 -7.77
N GLY A 329 16.30 2.22 -8.98
CA GLY A 329 16.70 2.99 -10.16
C GLY A 329 15.59 3.92 -10.60
N ILE A 330 15.77 5.21 -10.34
CA ILE A 330 14.70 6.26 -10.44
C ILE A 330 15.01 7.26 -11.56
N ARG A 331 14.05 7.37 -12.48
CA ARG A 331 13.89 8.49 -13.44
C ARG A 331 12.50 9.08 -13.18
N SER A 332 12.26 10.29 -13.70
CA SER A 332 10.92 10.92 -13.67
C SER A 332 9.87 10.03 -14.30
N ASP A 333 10.22 9.32 -15.38
CA ASP A 333 9.23 8.57 -16.18
C ASP A 333 9.21 7.09 -15.86
N TYR A 334 10.05 6.59 -14.97
CA TYR A 334 10.00 5.15 -14.59
C TYR A 334 10.84 4.92 -13.34
N TYR A 335 10.42 3.95 -12.53
CA TYR A 335 11.04 3.56 -11.24
C TYR A 335 11.30 2.07 -11.32
N GLN A 336 12.56 1.62 -11.24
CA GLN A 336 12.91 0.21 -11.50
C GLN A 336 13.56 -0.42 -10.28
N VAL A 337 13.35 -1.71 -10.13
CA VAL A 337 13.97 -2.48 -9.03
C VAL A 337 14.07 -3.90 -9.55
N SER A 338 14.67 -4.78 -8.77
CA SER A 338 14.68 -6.23 -9.08
C SER A 338 14.75 -7.02 -7.79
N ALA A 339 13.97 -8.08 -7.71
CA ALA A 339 14.13 -9.05 -6.62
C ALA A 339 14.68 -10.35 -7.21
N SER A 340 15.46 -11.05 -6.42
CA SER A 340 15.93 -12.40 -6.75
C SER A 340 15.15 -13.33 -5.83
N SER A 341 14.77 -14.49 -6.34
CA SER A 341 13.79 -15.36 -5.65
C SER A 341 14.20 -16.82 -5.82
N LEU A 342 13.93 -17.61 -4.78
CA LEU A 342 13.87 -19.09 -4.90
C LEU A 342 12.77 -19.48 -5.87
N PRO A 343 12.88 -20.69 -6.46
CA PRO A 343 11.81 -21.21 -7.31
C PRO A 343 10.60 -21.58 -6.45
N PHE A 344 9.43 -21.87 -7.06
CA PHE A 344 8.22 -22.34 -6.32
C PHE A 344 7.35 -23.15 -7.26
N SER A 345 6.52 -24.04 -6.72
CA SER A 345 5.51 -24.80 -7.53
C SER A 345 4.10 -24.31 -7.19
N THR A 346 3.93 -23.56 -6.10
CA THR A 346 2.69 -22.79 -5.82
C THR A 346 2.99 -21.32 -6.11
N PRO A 347 2.28 -20.67 -7.04
CA PRO A 347 2.58 -19.27 -7.36
C PRO A 347 2.18 -18.32 -6.21
N PRO A 348 3.01 -17.29 -5.88
CA PRO A 348 2.55 -16.22 -5.01
C PRO A 348 1.48 -15.46 -5.78
N PHE A 349 0.24 -15.46 -5.27
CA PHE A 349 -0.89 -14.83 -5.99
C PHE A 349 -0.58 -13.36 -6.24
N SER A 350 -0.72 -12.95 -7.50
CA SER A 350 -0.63 -11.55 -8.05
C SER A 350 0.82 -11.17 -8.36
N LEU A 351 1.82 -11.99 -8.01
CA LEU A 351 3.20 -11.70 -8.51
C LEU A 351 3.12 -11.66 -10.04
N PHE A 352 2.48 -12.66 -10.61
CA PHE A 352 2.17 -12.71 -12.05
C PHE A 352 0.70 -12.40 -12.22
N PRO A 353 0.30 -11.79 -13.36
CA PRO A 353 -1.04 -11.21 -13.45
C PRO A 353 -2.19 -12.22 -13.45
N THR A 354 -1.93 -13.46 -13.87
CA THR A 354 -2.97 -14.54 -13.84
C THR A 354 -2.34 -15.79 -13.25
N THR A 355 -3.19 -16.77 -12.93
CA THR A 355 -2.77 -18.04 -12.32
C THR A 355 -2.18 -18.96 -13.39
N SER A 356 -2.25 -18.64 -14.68
CA SER A 356 -1.74 -19.59 -15.71
C SER A 356 -0.29 -19.24 -16.14
N TYR A 357 0.38 -18.38 -15.41
CA TYR A 357 1.79 -18.02 -15.67
C TYR A 357 2.73 -19.19 -15.39
N PRO A 358 3.73 -19.45 -16.28
CA PRO A 358 4.65 -20.55 -16.08
C PRO A 358 5.45 -20.45 -14.78
N LEU A 359 5.70 -21.60 -14.14
CA LEU A 359 6.38 -21.66 -12.84
C LEU A 359 7.87 -21.75 -13.10
N PRO A 360 8.71 -21.07 -12.30
CA PRO A 360 10.15 -21.27 -12.34
C PRO A 360 10.57 -22.53 -11.56
N ASN A 361 11.55 -23.29 -12.04
CA ASN A 361 12.04 -24.38 -11.17
C ASN A 361 13.53 -24.23 -10.93
N SER A 362 14.10 -23.02 -11.07
CA SER A 362 15.43 -22.66 -10.51
C SER A 362 15.37 -21.19 -10.06
N THR A 363 16.40 -20.68 -9.42
CA THR A 363 16.42 -19.28 -8.89
C THR A 363 16.26 -18.30 -10.06
N PHE A 364 15.56 -17.19 -9.85
CA PHE A 364 15.23 -16.24 -10.94
C PHE A 364 15.35 -14.83 -10.36
N ALA A 365 15.60 -13.91 -11.28
CA ALA A 365 15.57 -12.47 -11.01
C ALA A 365 14.34 -11.90 -11.68
N HIS A 366 13.46 -11.29 -10.90
CA HIS A 366 12.30 -10.51 -11.37
C HIS A 366 12.76 -9.06 -11.50
N ILE A 367 12.85 -8.54 -12.74
CA ILE A 367 13.44 -7.20 -13.02
C ILE A 367 12.29 -6.32 -13.48
N VAL A 368 12.01 -5.20 -12.82
CA VAL A 368 10.70 -4.56 -13.04
C VAL A 368 10.85 -3.06 -13.29
N SER A 369 9.83 -2.51 -13.92
CA SER A 369 9.67 -1.05 -14.09
C SER A 369 8.23 -0.68 -13.71
N GLN A 370 8.11 0.47 -13.06
CA GLN A 370 6.82 1.01 -12.56
C GLN A 370 6.54 2.31 -13.33
N VAL A 371 5.34 2.42 -13.89
CA VAL A 371 4.85 3.65 -14.54
C VAL A 371 4.45 4.62 -13.43
N PRO A 372 4.98 5.85 -13.42
CA PRO A 372 4.61 6.84 -12.42
C PRO A 372 3.22 7.40 -12.72
N GLY A 373 2.62 7.95 -11.67
CA GLY A 373 1.26 8.50 -11.71
C GLY A 373 0.32 7.48 -11.10
N PRO A 374 -0.34 6.60 -11.88
CA PRO A 374 -0.41 6.71 -13.34
C PRO A 374 -1.47 7.75 -13.72
N LEU A 375 -1.62 8.03 -15.02
CA LEU A 375 -2.68 8.96 -15.49
C LEU A 375 -3.98 8.22 -15.75
N SER A 376 -3.94 6.96 -16.15
CA SER A 376 -5.13 6.08 -16.33
C SER A 376 -5.81 5.88 -14.97
N HIS A 377 -7.14 5.89 -14.95
CA HIS A 377 -7.87 5.64 -13.68
C HIS A 377 -9.14 4.86 -13.98
N GLY A 378 -9.68 4.27 -12.93
CA GLY A 378 -11.00 3.61 -12.95
C GLY A 378 -11.75 3.95 -11.70
N SER A 379 -12.42 2.97 -11.13
CA SER A 379 -13.33 3.26 -10.00
C SER A 379 -13.52 2.03 -9.13
N VAL A 380 -14.08 2.26 -7.94
CA VAL A 380 -14.61 1.24 -7.03
C VAL A 380 -16.13 1.40 -7.01
N THR A 381 -16.85 0.28 -7.21
CA THR A 381 -18.33 0.20 -7.07
C THR A 381 -18.68 -0.96 -6.16
N LEU A 382 -19.86 -0.90 -5.54
CA LEU A 382 -20.32 -1.94 -4.59
C LEU A 382 -20.73 -3.16 -5.38
N ASN A 383 -20.43 -4.33 -4.85
CA ASN A 383 -20.88 -5.64 -5.37
C ASN A 383 -22.15 -5.99 -4.59
N SER A 384 -22.07 -5.91 -3.26
CA SER A 384 -23.20 -5.94 -2.30
C SER A 384 -23.55 -4.51 -1.85
N SER A 385 -24.85 -4.19 -1.76
CA SER A 385 -25.33 -2.89 -1.22
C SER A 385 -25.50 -2.93 0.29
N SER A 386 -25.22 -4.07 0.92
CA SER A 386 -25.36 -4.19 2.39
C SER A 386 -24.13 -4.78 3.06
N ASP A 387 -23.43 -5.75 2.44
CA ASP A 387 -22.49 -6.62 3.21
C ASP A 387 -21.04 -6.14 2.97
N VAL A 388 -20.39 -5.59 3.99
CA VAL A 388 -19.01 -4.99 3.82
C VAL A 388 -17.99 -6.12 3.60
N ARG A 389 -18.31 -7.36 3.94
CA ARG A 389 -17.37 -8.49 3.79
C ARG A 389 -17.32 -8.94 2.33
N ILE A 390 -18.27 -8.52 1.51
CA ILE A 390 -18.22 -8.83 0.07
C ILE A 390 -17.40 -7.76 -0.60
N ALA A 391 -16.35 -8.16 -1.28
CA ALA A 391 -15.36 -7.20 -1.82
C ALA A 391 -16.06 -6.36 -2.86
N PRO A 392 -15.77 -5.06 -2.96
CA PRO A 392 -16.32 -4.24 -4.03
C PRO A 392 -15.68 -4.62 -5.38
N ASN A 393 -16.31 -4.18 -6.45
CA ASN A 393 -15.78 -4.30 -7.82
C ASN A 393 -14.70 -3.21 -7.97
N ILE A 394 -13.60 -3.50 -8.64
CA ILE A 394 -12.56 -2.46 -8.88
C ILE A 394 -12.01 -2.62 -10.29
N LYS A 395 -11.82 -1.50 -10.95
CA LYS A 395 -11.32 -1.48 -12.33
C LYS A 395 -10.33 -0.33 -12.40
N PHE A 396 -9.19 -0.54 -13.03
CA PHE A 396 -8.07 0.44 -13.07
C PHE A 396 -7.90 1.06 -14.45
N ASN A 397 -8.39 0.40 -15.51
CA ASN A 397 -8.21 0.83 -16.93
C ASN A 397 -6.73 1.05 -17.28
N TYR A 398 -5.87 0.07 -16.99
CA TYR A 398 -4.43 0.15 -17.26
C TYR A 398 -4.24 0.60 -18.71
N TYR A 399 -3.38 1.58 -18.92
CA TYR A 399 -2.92 2.07 -20.26
C TYR A 399 -4.07 2.65 -21.07
N SER A 400 -5.13 3.12 -20.43
CA SER A 400 -6.22 3.83 -21.13
C SER A 400 -5.68 5.21 -21.52
N ASN A 401 -4.67 5.68 -20.79
CA ASN A 401 -4.02 6.97 -21.07
C ASN A 401 -2.71 6.74 -21.84
N SER A 402 -2.57 7.27 -23.05
CA SER A 402 -1.39 7.05 -23.92
C SER A 402 -0.09 7.42 -23.21
N THR A 403 -0.09 8.41 -22.30
CA THR A 403 1.15 8.88 -21.64
C THR A 403 1.74 7.73 -20.82
N ASP A 404 0.89 6.97 -20.13
CA ASP A 404 1.31 5.81 -19.32
C ASP A 404 1.98 4.79 -20.26
N LEU A 405 1.38 4.54 -21.44
CA LEU A 405 1.94 3.55 -22.39
C LEU A 405 3.30 4.06 -22.86
N ALA A 406 3.40 5.36 -23.19
CA ALA A 406 4.67 5.99 -23.60
C ALA A 406 5.71 5.74 -22.51
N ASN A 407 5.32 5.91 -21.25
CA ASN A 407 6.29 5.80 -20.14
C ASN A 407 6.75 4.35 -19.96
N CYS A 408 5.86 3.36 -20.11
CA CYS A 408 6.22 1.92 -20.06
C CYS A 408 7.20 1.59 -21.18
N VAL A 409 6.93 2.04 -22.41
CA VAL A 409 7.91 1.91 -23.53
C VAL A 409 9.32 2.38 -23.11
N SER A 410 9.47 3.61 -22.60
CA SER A 410 10.77 4.15 -22.12
C SER A 410 11.34 3.24 -21.04
N GLY A 411 10.52 2.81 -20.08
CA GLY A 411 10.97 1.91 -18.98
C GLY A 411 11.50 0.60 -19.55
N MET A 412 10.74 -0.02 -20.45
CA MET A 412 11.10 -1.33 -21.06
C MET A 412 12.41 -1.19 -21.88
N LYS A 413 12.61 -0.08 -22.60
CA LYS A 413 13.90 0.24 -23.29
C LYS A 413 15.04 0.29 -22.29
N LYS A 414 14.82 0.89 -21.11
CA LYS A 414 15.88 0.99 -20.10
C LYS A 414 16.19 -0.39 -19.51
N LEU A 415 15.19 -1.24 -19.30
CA LEU A 415 15.44 -2.63 -18.84
C LEU A 415 16.29 -3.35 -19.89
N GLY A 416 16.04 -3.12 -21.19
CA GLY A 416 16.95 -3.54 -22.27
C GLY A 416 18.40 -3.15 -22.04
N ASP A 417 18.65 -1.85 -21.78
CA ASP A 417 19.98 -1.30 -21.47
C ASP A 417 20.53 -2.05 -20.26
N LEU A 418 19.69 -2.28 -19.25
CA LEU A 418 20.17 -2.97 -18.02
C LEU A 418 20.64 -4.39 -18.37
N LEU A 419 19.88 -5.14 -19.15
CA LEU A 419 20.27 -6.54 -19.51
C LEU A 419 21.57 -6.53 -20.35
N ARG A 420 21.96 -5.38 -20.91
CA ARG A 420 23.19 -5.29 -21.77
C ARG A 420 24.45 -4.89 -20.98
N THR A 421 24.34 -4.60 -19.68
CA THR A 421 25.45 -4.12 -18.83
C THR A 421 26.42 -5.27 -18.59
N LYS A 422 27.68 -4.95 -18.37
CA LYS A 422 28.70 -5.89 -17.83
C LYS A 422 28.21 -6.46 -16.50
N ALA A 423 27.56 -5.66 -15.66
CA ALA A 423 27.04 -6.10 -14.34
C ALA A 423 26.22 -7.39 -14.49
N LEU A 424 25.33 -7.46 -15.48
CA LEU A 424 24.36 -8.57 -15.68
C LEU A 424 24.93 -9.70 -16.56
N GLU A 425 26.01 -9.42 -17.28
CA GLU A 425 26.61 -10.39 -18.24
C GLU A 425 26.88 -11.72 -17.53
N PRO A 426 27.38 -11.81 -16.28
CA PRO A 426 27.58 -13.12 -15.66
C PRO A 426 26.32 -13.99 -15.48
N TYR A 427 25.12 -13.47 -15.73
CA TYR A 427 23.84 -14.16 -15.41
C TYR A 427 23.20 -14.67 -16.70
N LYS A 428 23.92 -14.53 -17.80
CA LYS A 428 23.51 -15.09 -19.11
C LYS A 428 23.83 -16.59 -19.15
N ALA A 429 22.94 -17.35 -19.77
CA ALA A 429 23.11 -18.79 -20.04
C ALA A 429 24.16 -19.00 -21.15
N ARG A 430 24.18 -18.12 -22.19
CA ARG A 430 25.12 -18.21 -23.35
C ARG A 430 25.91 -16.89 -23.51
N ASP A 431 27.23 -16.97 -23.67
CA ASP A 431 28.12 -15.78 -23.81
C ASP A 431 27.98 -15.31 -25.27
N VAL A 432 26.77 -14.95 -25.69
CA VAL A 432 26.52 -14.36 -27.03
C VAL A 432 26.44 -12.84 -26.86
N LEU A 433 26.52 -12.06 -27.95
CA LEU A 433 26.58 -10.59 -27.83
C LEU A 433 25.23 -10.04 -27.33
N GLY A 434 24.12 -10.70 -27.66
CA GLY A 434 22.77 -10.14 -27.45
C GLY A 434 22.13 -10.54 -26.13
N ILE A 435 20.98 -9.94 -25.79
CA ILE A 435 20.26 -10.28 -24.52
C ILE A 435 19.47 -11.57 -24.71
N ASP A 436 19.40 -12.14 -25.91
CA ASP A 436 18.89 -13.52 -26.11
C ASP A 436 19.84 -14.54 -25.46
N GLY A 437 21.00 -14.10 -24.97
CA GLY A 437 21.95 -14.89 -24.16
C GLY A 437 21.37 -15.29 -22.80
N PHE A 438 20.35 -14.57 -22.31
CA PHE A 438 19.65 -14.93 -21.06
C PHE A 438 18.62 -16.03 -21.38
N ASN A 439 18.34 -16.84 -20.36
CA ASN A 439 17.13 -17.69 -20.34
C ASN A 439 16.05 -16.90 -19.59
N TYR A 440 14.87 -16.82 -20.17
CA TYR A 440 13.71 -16.08 -19.63
C TYR A 440 12.68 -17.06 -19.10
N LEU A 441 12.05 -16.69 -17.99
CA LEU A 441 10.74 -17.21 -17.58
C LEU A 441 9.68 -16.23 -18.10
N GLY A 442 8.77 -16.74 -18.92
CA GLY A 442 7.72 -15.97 -19.60
C GLY A 442 8.25 -15.16 -20.77
N VAL A 443 7.63 -14.03 -21.03
CA VAL A 443 7.81 -13.27 -22.28
C VAL A 443 9.06 -12.40 -22.12
N PRO A 444 10.07 -12.54 -23.00
CA PRO A 444 11.23 -11.65 -22.99
C PRO A 444 10.92 -10.30 -23.62
N LEU A 445 11.82 -9.31 -23.50
CA LEU A 445 11.66 -8.03 -24.21
C LEU A 445 11.68 -8.36 -25.68
N PRO A 446 10.99 -7.58 -26.53
CA PRO A 446 11.03 -7.78 -27.99
C PRO A 446 12.43 -7.58 -28.61
N ASP A 451 11.89 0.34 -33.69
CA ASP A 451 10.54 0.97 -33.69
C ASP A 451 9.94 0.84 -32.28
N ASP A 452 8.60 1.04 -32.12
CA ASP A 452 7.84 1.28 -30.84
C ASP A 452 6.65 0.32 -30.64
N ALA A 453 5.93 -0.10 -31.69
CA ALA A 453 4.70 -0.94 -31.62
C ALA A 453 4.89 -2.27 -30.86
N SER A 454 6.06 -2.90 -30.94
CA SER A 454 6.30 -4.23 -30.31
C SER A 454 6.37 -4.05 -28.77
N PHE A 455 6.94 -2.93 -28.31
CA PHE A 455 7.08 -2.53 -26.90
C PHE A 455 5.71 -2.14 -26.35
N GLU A 456 4.86 -1.52 -27.18
CA GLU A 456 3.49 -1.15 -26.79
C GLU A 456 2.73 -2.44 -26.54
N THR A 457 2.83 -3.41 -27.45
CA THR A 457 2.12 -4.72 -27.33
C THR A 457 2.60 -5.43 -26.05
N PHE A 458 3.92 -5.44 -25.82
CA PHE A 458 4.56 -6.07 -24.66
C PHE A 458 4.01 -5.39 -23.39
N CYS A 459 3.98 -4.06 -23.36
CA CYS A 459 3.48 -3.27 -22.21
C CYS A 459 2.03 -3.66 -21.93
N LEU A 460 1.20 -3.66 -22.96
CA LEU A 460 -0.25 -3.93 -22.81
C LEU A 460 -0.49 -5.37 -22.39
N ASP A 461 0.29 -6.30 -22.92
CA ASP A 461 -0.09 -7.75 -22.84
C ASP A 461 0.48 -8.33 -21.55
N ASN A 462 1.49 -7.73 -20.93
CA ASN A 462 2.25 -8.43 -19.89
C ASN A 462 2.19 -7.64 -18.59
N VAL A 463 1.25 -6.72 -18.47
CA VAL A 463 1.14 -5.84 -17.27
C VAL A 463 0.68 -6.68 -16.05
N ALA A 464 1.19 -6.29 -14.91
CA ALA A 464 0.82 -6.79 -13.57
C ALA A 464 0.53 -5.57 -12.68
N SER A 465 -0.01 -5.83 -11.48
CA SER A 465 -0.15 -4.74 -10.48
C SER A 465 1.20 -4.48 -9.84
N TYR A 466 1.53 -3.21 -9.60
CA TYR A 466 2.67 -2.87 -8.72
C TYR A 466 2.23 -3.00 -7.25
N TRP A 467 0.92 -3.10 -6.99
CA TRP A 467 0.29 -3.21 -5.65
C TRP A 467 0.19 -1.84 -4.98
N HIS A 468 0.61 -0.77 -5.64
CA HIS A 468 0.63 0.58 -5.04
C HIS A 468 -0.60 1.37 -5.46
N TYR A 469 -1.76 0.72 -5.56
CA TYR A 469 -3.04 1.37 -5.92
C TYR A 469 -3.40 2.40 -4.84
N HIS A 470 -4.13 3.41 -5.30
CA HIS A 470 -4.44 4.63 -4.54
C HIS A 470 -5.65 5.31 -5.16
N GLY A 471 -6.24 6.26 -4.42
CA GLY A 471 -7.37 7.06 -4.91
C GLY A 471 -8.71 6.52 -4.44
N GLY A 472 -9.79 7.13 -4.92
CA GLY A 472 -11.18 6.77 -4.58
C GLY A 472 -11.84 7.73 -3.59
N SER A 473 -11.06 8.51 -2.83
CA SER A 473 -11.56 9.49 -1.86
C SER A 473 -10.65 10.71 -1.90
N LEU A 474 -10.47 11.32 -3.05
CA LEU A 474 -9.35 12.28 -3.28
C LEU A 474 -9.55 13.57 -2.51
N VAL A 475 -8.46 14.09 -1.96
CA VAL A 475 -8.35 15.54 -1.64
C VAL A 475 -8.70 16.33 -2.91
N GLY A 476 -9.59 17.31 -2.77
CA GLY A 476 -10.05 18.19 -3.87
C GLY A 476 -11.27 17.64 -4.59
N LYS A 477 -11.71 16.40 -4.29
CA LYS A 477 -12.91 15.75 -4.89
C LYS A 477 -13.87 15.37 -3.78
N VAL A 478 -13.40 14.55 -2.83
CA VAL A 478 -14.21 14.11 -1.65
C VAL A 478 -13.81 14.88 -0.40
N LEU A 479 -12.53 15.23 -0.25
CA LEU A 479 -11.97 15.76 0.99
C LEU A 479 -11.45 17.17 0.74
N ASP A 480 -11.45 17.98 1.77
CA ASP A 480 -10.76 19.29 1.81
C ASP A 480 -9.29 19.05 2.17
N ASP A 481 -8.51 20.12 2.23
CA ASP A 481 -7.04 20.11 2.45
C ASP A 481 -6.74 19.65 3.91
N SER A 482 -7.74 19.50 4.81
CA SER A 482 -7.58 18.93 6.17
C SER A 482 -8.08 17.48 6.26
N PHE A 483 -8.35 16.85 5.14
CA PHE A 483 -8.76 15.43 5.01
C PHE A 483 -10.18 15.22 5.55
N ARG A 484 -10.96 16.29 5.62
CA ARG A 484 -12.39 16.20 6.04
C ARG A 484 -13.26 15.86 4.84
N VAL A 485 -14.23 14.98 5.05
CA VAL A 485 -15.26 14.70 4.01
C VAL A 485 -16.11 15.97 3.86
N MET A 486 -16.12 16.52 2.66
CA MET A 486 -16.83 17.80 2.39
C MET A 486 -18.31 17.59 2.66
N GLY A 487 -18.90 18.53 3.39
CA GLY A 487 -20.34 18.51 3.71
C GLY A 487 -20.63 17.81 5.03
N ILE A 488 -19.67 17.14 5.65
CA ILE A 488 -19.95 16.33 6.85
C ILE A 488 -18.99 16.79 7.93
N LYS A 489 -19.52 17.09 9.09
CA LYS A 489 -18.70 17.32 10.30
C LYS A 489 -18.26 16.00 10.90
N ALA A 490 -17.10 16.05 11.59
CA ALA A 490 -16.59 14.96 12.44
C ALA A 490 -16.30 13.71 11.62
N LEU A 491 -15.98 13.86 10.33
CA LEU A 491 -15.58 12.70 9.47
C LEU A 491 -14.36 13.10 8.62
N ARG A 492 -13.32 12.26 8.69
CA ARG A 492 -12.08 12.45 7.90
C ARG A 492 -11.73 11.11 7.26
N VAL A 493 -10.87 11.16 6.28
CA VAL A 493 -10.31 9.96 5.62
C VAL A 493 -8.80 10.16 5.56
N VAL A 494 -8.05 9.17 6.04
CA VAL A 494 -6.55 9.21 6.02
C VAL A 494 -6.05 7.82 5.69
N ASP A 495 -5.54 7.64 4.46
CA ASP A 495 -4.99 6.40 3.90
C ASP A 495 -4.67 6.68 2.42
N ALA A 496 -4.35 5.65 1.64
CA ALA A 496 -3.98 5.76 0.21
C ALA A 496 -5.17 6.14 -0.65
N SER A 497 -6.40 6.23 -0.13
CA SER A 497 -7.55 6.67 -0.96
C SER A 497 -7.43 8.17 -1.29
N THR A 498 -6.49 8.90 -0.70
CA THR A 498 -6.56 10.38 -0.62
C THR A 498 -5.83 11.12 -1.74
N PHE A 499 -4.90 10.49 -2.47
CA PHE A 499 -4.07 11.19 -3.49
C PHE A 499 -4.13 10.50 -4.84
N PRO A 500 -4.21 11.26 -5.95
CA PRO A 500 -4.33 10.65 -7.27
C PRO A 500 -3.02 10.20 -7.93
N TYR A 501 -1.88 10.67 -7.46
CA TYR A 501 -0.54 10.37 -8.03
C TYR A 501 0.34 9.82 -6.91
N GLU A 502 1.23 8.90 -7.23
CA GLU A 502 2.11 8.28 -6.22
C GLU A 502 3.02 9.35 -5.65
N PRO A 503 3.25 9.43 -4.31
CA PRO A 503 4.24 10.39 -3.79
C PRO A 503 5.69 10.05 -4.13
N ASN A 504 5.93 8.83 -4.61
CA ASN A 504 7.26 8.26 -4.88
C ASN A 504 7.10 6.85 -5.46
N SER A 505 8.18 6.07 -5.56
CA SER A 505 8.18 4.68 -6.05
C SER A 505 7.52 3.73 -5.06
N HIS A 506 7.61 4.02 -3.76
CA HIS A 506 7.27 3.06 -2.69
C HIS A 506 6.59 3.87 -1.58
N PRO A 507 5.24 3.94 -1.59
CA PRO A 507 4.52 4.93 -0.79
C PRO A 507 4.21 4.57 0.68
N GLN A 508 4.61 3.41 1.19
CA GLN A 508 4.30 3.07 2.63
C GLN A 508 4.85 4.17 3.54
N GLY A 509 6.05 4.65 3.28
CA GLY A 509 6.68 5.71 4.10
C GLY A 509 5.76 6.92 4.16
N PHE A 510 5.26 7.38 3.03
CA PHE A 510 4.38 8.56 2.98
C PHE A 510 3.12 8.29 3.81
N TYR A 511 2.50 7.12 3.68
CA TYR A 511 1.17 6.88 4.32
C TYR A 511 1.38 6.67 5.83
N LEU A 512 2.49 6.08 6.26
CA LEU A 512 2.85 5.94 7.71
C LEU A 512 2.99 7.35 8.29
N MET A 513 3.76 8.20 7.61
CA MET A 513 3.92 9.63 8.00
C MET A 513 2.55 10.30 8.06
N LEU A 514 1.72 10.10 7.04
CA LEU A 514 0.43 10.82 6.92
C LEU A 514 -0.48 10.52 8.10
N GLY A 515 -0.55 9.26 8.56
CA GLY A 515 -1.37 8.91 9.72
C GLY A 515 -1.05 9.78 10.92
N ARG A 516 0.22 9.89 11.29
CA ARG A 516 0.59 10.66 12.48
C ARG A 516 0.40 12.15 12.21
N TYR A 517 0.77 12.61 11.03
CA TYR A 517 0.74 14.05 10.67
C TYR A 517 -0.70 14.56 10.81
N VAL A 518 -1.65 13.80 10.30
CA VAL A 518 -3.07 14.25 10.29
C VAL A 518 -3.57 14.17 11.75
N GLY A 519 -3.14 13.17 12.50
CA GLY A 519 -3.43 13.08 13.94
C GLY A 519 -2.93 14.34 14.67
N LEU A 520 -1.71 14.76 14.35
CA LEU A 520 -1.15 16.01 14.92
C LEU A 520 -1.98 17.21 14.48
N GLN A 521 -2.47 17.29 13.23
CA GLN A 521 -3.27 18.43 12.75
C GLN A 521 -4.62 18.45 13.48
N ILE A 522 -5.25 17.29 13.65
CA ILE A 522 -6.48 17.14 14.47
C ILE A 522 -6.20 17.58 15.92
N LEU A 523 -5.12 17.17 16.56
CA LEU A 523 -4.86 17.58 17.96
C LEU A 523 -4.67 19.12 18.00
N GLN A 524 -3.99 19.70 17.00
CA GLN A 524 -3.71 21.17 16.98
C GLN A 524 -5.01 21.94 16.75
N GLU A 525 -5.80 21.52 15.77
CA GLU A 525 -7.07 22.20 15.41
C GLU A 525 -7.91 22.31 16.68
N ARG A 526 -7.83 21.31 17.54
CA ARG A 526 -8.70 21.21 18.73
C ARG A 526 -8.15 21.96 19.94
N SER A 527 -6.85 22.25 20.02
CA SER A 527 -6.17 22.88 21.18
C SER A 527 -6.40 24.41 21.22
#